data_6I1I
#
_entry.id   6I1I
#
_cell.length_a   99.714
_cell.length_b   147.672
_cell.length_c   43.254
_cell.angle_alpha   90.00
_cell.angle_beta   90.00
_cell.angle_gamma   90.00
#
_symmetry.space_group_name_H-M   'C 2 2 21'
#
loop_
_entity.id
_entity.type
_entity.pdbx_description
1 polymer 'Peptidoglycan D,D-transpeptidase FtsI,Peptidoglycan D,D-transpeptidase FtsI'
2 non-polymer 'Piperacillin (Open Form)'
3 water water
#
_entity_poly.entity_id   1
_entity_poly.type   'polypeptide(L)'
_entity_poly.pdbx_seq_one_letter_code
;GPGYQDPLSIDERLQALVYRELNNAVAFNKAESGSAVLVDVNTGEVLAMANSPGRNRTITDVFEPGSTVKPMVVMTALQR
GVVRENSVLNTIPYRINGHEIKDVARYSELTLTGVLQKSSNVGVSKLALAMPSSALVDTYSRFGLGKATNLGLVGERSGL
YPQKQRWSDIERATFSFGYGLMVTPLQLARVYATIGSYGIYRPLSITKVDPPVPGERVFPESIVRTVVHMMESVALPGGG
GVKAAIKGYRIAIKTGTAKKVGPDGRYINKYIAYTAGVAPASQPRFALVVVINDPQAGKYYGGAVSAPVFGAIMGGVLRT
MNIEPDALTTGDKNEFVINQGEGTGGRS
;
_entity_poly.pdbx_strand_id   A
#
loop_
_chem_comp.id
_chem_comp.type
_chem_comp.name
_chem_comp.formula
JPP non-polymer 'Piperacillin (Open Form)' 'C23 H29 N5 O7 S'
#
# COMPACT_ATOMS: atom_id res chain seq x y z
N ASP A 6 24.13 -11.51 -11.62
CA ASP A 6 24.04 -13.01 -11.54
C ASP A 6 23.72 -13.52 -10.14
N PRO A 7 24.30 -12.88 -9.10
CA PRO A 7 23.61 -12.98 -7.82
C PRO A 7 22.48 -11.93 -7.77
N LEU A 8 22.21 -11.25 -8.89
CA LEU A 8 21.09 -10.28 -9.01
C LEU A 8 19.69 -10.91 -8.93
N SER A 9 18.84 -10.39 -8.04
CA SER A 9 17.53 -11.02 -7.77
C SER A 9 16.48 -10.77 -8.86
N ILE A 10 16.64 -9.66 -9.59
CA ILE A 10 15.73 -9.28 -10.67
C ILE A 10 15.53 -10.46 -11.62
N ASP A 11 14.28 -10.77 -11.91
CA ASP A 11 13.95 -11.73 -12.93
C ASP A 11 13.62 -10.95 -14.18
N GLU A 12 14.47 -11.02 -15.20
CA GLU A 12 14.32 -10.13 -16.37
C GLU A 12 12.99 -10.34 -17.15
N ARG A 13 12.38 -11.51 -17.05
CA ARG A 13 11.06 -11.74 -17.67
C ARG A 13 10.03 -10.83 -17.01
N LEU A 14 10.08 -10.79 -15.67
CA LEU A 14 9.19 -9.94 -14.87
C LEU A 14 9.51 -8.46 -15.01
N GLN A 15 10.80 -8.11 -15.05
CA GLN A 15 11.23 -6.74 -15.35
C GLN A 15 10.65 -6.22 -16.69
N ALA A 16 10.75 -7.04 -17.73
CA ALA A 16 10.30 -6.63 -19.07
C ALA A 16 8.78 -6.44 -19.13
N LEU A 17 8.07 -7.33 -18.44
CA LEU A 17 6.62 -7.23 -18.32
C LEU A 17 6.20 -5.96 -17.60
N VAL A 18 6.86 -5.69 -16.46
CA VAL A 18 6.58 -4.52 -15.65
C VAL A 18 6.80 -3.23 -16.45
N TYR A 19 7.96 -3.15 -17.10
CA TYR A 19 8.34 -2.02 -17.94
C TYR A 19 7.30 -1.74 -19.04
N ARG A 20 6.88 -2.79 -19.75
CA ARG A 20 5.94 -2.64 -20.86
C ARG A 20 4.56 -2.18 -20.40
N GLU A 21 4.07 -2.78 -19.33
CA GLU A 21 2.74 -2.44 -18.80
C GLU A 21 2.77 -1.05 -18.19
N LEU A 22 3.85 -0.74 -17.48
CA LEU A 22 4.03 0.57 -16.88
C LEU A 22 4.13 1.65 -17.97
N ASN A 23 4.96 1.43 -18.99
CA ASN A 23 5.02 2.36 -20.12
C ASN A 23 3.64 2.66 -20.67
N ASN A 24 2.85 1.61 -20.91
CA ASN A 24 1.48 1.73 -21.45
C ASN A 24 0.53 2.52 -20.55
N ALA A 25 0.60 2.26 -19.25
CA ALA A 25 -0.26 2.94 -18.27
C ALA A 25 0.06 4.43 -18.13
N VAL A 26 1.36 4.74 -18.12
CA VAL A 26 1.83 6.13 -18.05
C VAL A 26 1.40 6.91 -19.29
N ALA A 27 1.54 6.29 -20.46
CA ALA A 27 1.08 6.89 -21.70
C ALA A 27 -0.43 7.09 -21.70
N PHE A 28 -1.18 6.03 -21.42
CA PHE A 28 -2.65 6.06 -21.43
C PHE A 28 -3.24 7.13 -20.49
N ASN A 29 -2.63 7.28 -19.30
CA ASN A 29 -3.09 8.26 -18.31
C ASN A 29 -2.41 9.64 -18.41
N LYS A 30 -1.63 9.81 -19.48
CA LYS A 30 -0.88 11.04 -19.76
C LYS A 30 -0.14 11.52 -18.51
N ALA A 31 0.46 10.58 -17.78
CA ALA A 31 1.05 10.88 -16.48
C ALA A 31 2.49 11.35 -16.63
N GLU A 32 3.00 12.05 -15.62
CA GLU A 32 4.41 12.34 -15.56
C GLU A 32 5.26 11.07 -15.58
N SER A 33 4.89 10.11 -14.73
CA SER A 33 5.68 8.90 -14.59
C SER A 33 4.90 7.84 -13.84
N GLY A 34 5.55 6.69 -13.71
CA GLY A 34 4.99 5.56 -13.01
C GLY A 34 6.12 4.69 -12.49
N SER A 35 5.86 4.00 -11.39
CA SER A 35 6.84 3.08 -10.81
C SER A 35 6.13 1.81 -10.40
N ALA A 36 6.87 0.72 -10.43
CA ALA A 36 6.37 -0.54 -9.91
C ALA A 36 7.53 -1.28 -9.26
N VAL A 37 7.26 -1.82 -8.07
CA VAL A 37 8.24 -2.63 -7.33
C VAL A 37 7.56 -3.95 -6.98
N LEU A 38 8.19 -5.07 -7.35
CA LEU A 38 7.68 -6.42 -7.13
C LEU A 38 8.64 -7.17 -6.20
N VAL A 39 8.13 -7.68 -5.07
CA VAL A 39 8.95 -8.34 -4.04
C VAL A 39 8.45 -9.78 -3.73
N ASP A 40 9.38 -10.72 -3.62
CA ASP A 40 9.08 -12.07 -3.13
C ASP A 40 8.81 -11.95 -1.64
N VAL A 41 7.62 -12.32 -1.20
CA VAL A 41 7.21 -12.06 0.21
C VAL A 41 7.90 -12.96 1.24
N ASN A 42 8.46 -14.08 0.79
CA ASN A 42 9.18 -15.00 1.66
C ASN A 42 10.68 -14.70 1.82
N THR A 43 11.25 -13.95 0.87
CA THR A 43 12.71 -13.72 0.88
C THR A 43 13.13 -12.27 0.93
N GLY A 44 12.22 -11.36 0.53
CA GLY A 44 12.57 -9.94 0.39
C GLY A 44 13.32 -9.63 -0.90
N GLU A 45 13.43 -10.60 -1.78
CA GLU A 45 14.08 -10.36 -3.07
C GLU A 45 13.23 -9.48 -3.98
N VAL A 46 13.86 -8.44 -4.51
CA VAL A 46 13.23 -7.56 -5.50
C VAL A 46 13.29 -8.26 -6.85
N LEU A 47 12.14 -8.69 -7.35
CA LEU A 47 12.10 -9.44 -8.61
C LEU A 47 11.95 -8.52 -9.81
N ALA A 48 11.41 -7.32 -9.57
CA ALA A 48 11.25 -6.29 -10.61
C ALA A 48 11.17 -4.94 -9.96
N MET A 49 11.75 -3.95 -10.61
CA MET A 49 11.80 -2.60 -10.08
C MET A 49 11.98 -1.69 -11.26
N ALA A 50 10.95 -0.90 -11.57
CA ALA A 50 11.00 -0.11 -12.80
C ALA A 50 10.40 1.28 -12.67
N ASN A 51 11.02 2.22 -13.36
CA ASN A 51 10.53 3.58 -13.50
C ASN A 51 10.14 3.76 -14.97
N SER A 52 9.06 4.47 -15.22
CA SER A 52 8.68 4.87 -16.57
C SER A 52 8.27 6.36 -16.56
N PRO A 53 8.93 7.21 -17.37
CA PRO A 53 10.11 6.91 -18.18
C PRO A 53 11.30 6.47 -17.32
N GLY A 54 12.23 5.73 -17.94
CA GLY A 54 13.42 5.19 -17.27
C GLY A 54 14.20 6.17 -16.40
N ARG A 55 14.34 7.42 -16.85
CA ARG A 55 15.20 8.38 -16.16
C ARG A 55 14.47 9.20 -15.09
N ASN A 56 13.17 8.97 -14.95
CA ASN A 56 12.41 9.58 -13.86
C ASN A 56 12.51 8.67 -12.64
N ARG A 57 13.41 9.02 -11.72
CA ARG A 57 13.72 8.13 -10.60
C ARG A 57 12.67 8.24 -9.51
N THR A 58 11.49 7.73 -9.83
CA THR A 58 10.33 7.81 -8.93
C THR A 58 10.37 6.76 -7.80
N ILE A 59 10.94 5.58 -8.07
CA ILE A 59 11.02 4.53 -7.03
C ILE A 59 11.73 5.00 -5.76
N THR A 60 12.58 6.03 -5.89
CA THR A 60 13.30 6.60 -4.74
C THR A 60 12.82 8.00 -4.33
N ASP A 61 11.85 8.56 -5.05
CA ASP A 61 11.18 9.80 -4.60
C ASP A 61 10.22 9.49 -3.46
N VAL A 62 9.88 10.51 -2.69
CA VAL A 62 9.03 10.35 -1.51
C VAL A 62 7.63 10.93 -1.72
N PHE A 63 6.63 10.30 -1.13
CA PHE A 63 5.25 10.69 -1.30
C PHE A 63 4.49 10.36 -0.02
N GLU A 64 3.36 11.01 0.21
CA GLU A 64 2.47 10.60 1.29
C GLU A 64 1.76 9.32 0.85
N PRO A 65 1.81 8.27 1.70
CA PRO A 65 1.29 6.96 1.31
C PRO A 65 -0.24 6.91 1.22
N GLY A 66 -0.91 7.85 1.90
CA GLY A 66 -2.37 7.93 1.79
C GLY A 66 -3.03 6.65 2.27
N SER A 67 -4.07 6.20 1.56
CA SER A 67 -4.91 5.10 2.05
C SER A 67 -4.22 3.74 2.07
N THR A 68 -3.00 3.66 1.54
CA THR A 68 -2.26 2.40 1.56
C THR A 68 -1.85 2.00 2.95
N VAL A 69 -1.93 2.93 3.90
CA VAL A 69 -1.60 2.62 5.29
C VAL A 69 -2.76 1.94 6.03
N LYS A 70 -3.96 2.00 5.45
CA LYS A 70 -5.16 1.59 6.17
C LYS A 70 -5.17 0.14 6.69
N PRO A 71 -4.67 -0.84 5.89
CA PRO A 71 -4.58 -2.20 6.48
C PRO A 71 -3.82 -2.29 7.82
N MET A 72 -2.77 -1.50 8.00
CA MET A 72 -2.01 -1.49 9.26
C MET A 72 -2.82 -0.89 10.39
N VAL A 73 -3.70 0.05 10.06
CA VAL A 73 -4.59 0.64 11.06
C VAL A 73 -5.56 -0.41 11.61
N VAL A 74 -6.13 -1.21 10.70
CA VAL A 74 -7.07 -2.26 11.11
C VAL A 74 -6.35 -3.34 11.95
N MET A 75 -5.15 -3.73 11.51
CA MET A 75 -4.32 -4.68 12.25
C MET A 75 -4.05 -4.20 13.67
N THR A 76 -3.76 -2.91 13.82
CA THR A 76 -3.45 -2.32 15.13
C THR A 76 -4.66 -2.30 16.07
N ALA A 77 -5.79 -1.87 15.54
CA ALA A 77 -7.05 -1.85 16.29
C ALA A 77 -7.43 -3.27 16.74
N LEU A 78 -7.22 -4.26 15.87
CA LEU A 78 -7.48 -5.66 16.27
C LEU A 78 -6.50 -6.12 17.36
N GLN A 79 -5.23 -5.80 17.21
CA GLN A 79 -4.21 -6.16 18.20
C GLN A 79 -4.54 -5.55 19.56
N ARG A 80 -4.98 -4.29 19.56
CA ARG A 80 -5.28 -3.59 20.83
C ARG A 80 -6.67 -3.89 21.42
N GLY A 81 -7.44 -4.74 20.73
CA GLY A 81 -8.80 -5.08 21.16
C GLY A 81 -9.80 -3.94 21.10
N VAL A 82 -9.50 -2.92 20.29
CA VAL A 82 -10.44 -1.82 20.01
C VAL A 82 -11.63 -2.35 19.21
N VAL A 83 -11.35 -3.26 18.28
CA VAL A 83 -12.38 -3.96 17.51
C VAL A 83 -12.15 -5.47 17.53
N ARG A 84 -13.18 -6.21 17.11
CA ARG A 84 -13.11 -7.65 16.90
CA ARG A 84 -13.03 -7.64 16.86
C ARG A 84 -13.26 -7.89 15.39
N GLU A 85 -13.07 -9.14 14.95
CA GLU A 85 -13.11 -9.46 13.53
C GLU A 85 -14.40 -9.03 12.81
N ASN A 86 -15.55 -9.21 13.47
CA ASN A 86 -16.86 -8.89 12.89
C ASN A 86 -17.43 -7.52 13.33
N SER A 87 -16.58 -6.65 13.88
CA SER A 87 -17.03 -5.33 14.36
C SER A 87 -17.66 -4.50 13.25
N VAL A 88 -18.57 -3.61 13.63
CA VAL A 88 -19.18 -2.65 12.72
C VAL A 88 -18.89 -1.27 13.26
N LEU A 89 -18.37 -0.38 12.42
CA LEU A 89 -18.04 0.99 12.85
C LEU A 89 -19.07 2.00 12.38
N ASN A 90 -19.39 2.94 13.27
CA ASN A 90 -20.11 4.15 12.90
C ASN A 90 -19.23 5.02 11.99
N THR A 91 -19.59 5.13 10.72
CA THR A 91 -18.77 5.88 9.75
C THR A 91 -19.42 7.19 9.28
N ILE A 92 -20.26 7.77 10.14
CA ILE A 92 -20.88 9.08 9.86
C ILE A 92 -19.79 10.16 9.91
N PRO A 93 -19.74 11.03 8.87
CA PRO A 93 -18.72 12.10 8.88
C PRO A 93 -18.87 12.98 10.12
N TYR A 94 -17.76 13.59 10.55
CA TYR A 94 -17.75 14.41 11.77
C TYR A 94 -16.68 15.50 11.64
N ARG A 95 -16.57 16.35 12.66
CA ARG A 95 -15.60 17.45 12.67
C ARG A 95 -14.58 17.29 13.78
N ILE A 96 -13.35 17.74 13.50
CA ILE A 96 -12.31 17.91 14.50
C ILE A 96 -11.84 19.36 14.44
N ASN A 97 -12.25 20.17 15.42
CA ASN A 97 -11.90 21.60 15.51
C ASN A 97 -12.14 22.40 14.22
N GLY A 98 -13.20 22.05 13.48
CA GLY A 98 -13.48 22.67 12.18
C GLY A 98 -13.06 21.85 10.97
N HIS A 99 -12.13 20.92 11.18
CA HIS A 99 -11.68 20.01 10.11
C HIS A 99 -12.69 18.94 9.84
N GLU A 100 -13.08 18.80 8.58
CA GLU A 100 -14.11 17.84 8.21
C GLU A 100 -13.53 16.51 7.76
N ILE A 101 -13.90 15.46 8.48
CA ILE A 101 -13.48 14.09 8.15
C ILE A 101 -14.64 13.37 7.48
N LYS A 102 -14.47 13.07 6.20
CA LYS A 102 -15.52 12.45 5.41
C LYS A 102 -14.92 11.51 4.36
N ASP A 103 -15.75 10.63 3.82
CA ASP A 103 -15.36 9.67 2.79
C ASP A 103 -15.85 10.16 1.44
N VAL A 104 -15.29 9.61 0.36
CA VAL A 104 -15.81 9.85 -0.98
C VAL A 104 -17.25 9.32 -1.09
N ALA A 105 -17.49 8.15 -0.50
CA ALA A 105 -18.82 7.55 -0.45
C ALA A 105 -19.31 7.53 0.99
N ARG A 106 -20.45 8.14 1.25
CA ARG A 106 -21.00 8.21 2.61
C ARG A 106 -21.75 6.94 3.01
N TYR A 107 -21.36 6.38 4.16
CA TYR A 107 -22.06 5.25 4.79
C TYR A 107 -22.25 5.56 6.27
N SER A 108 -23.35 5.15 6.81
CA SER A 108 -23.59 5.35 8.22
C SER A 108 -22.84 4.33 9.07
N GLU A 109 -22.65 3.17 8.51
CA GLU A 109 -21.89 2.13 9.21
C GLU A 109 -21.20 1.21 8.19
N LEU A 110 -20.06 0.66 8.59
CA LEU A 110 -19.31 -0.28 7.75
C LEU A 110 -18.66 -1.32 8.65
N THR A 111 -18.54 -2.56 8.16
CA THR A 111 -17.74 -3.57 8.84
C THR A 111 -16.28 -3.20 8.55
N LEU A 112 -15.36 -3.91 9.19
CA LEU A 112 -13.94 -3.69 8.94
C LEU A 112 -13.63 -3.99 7.48
N THR A 113 -14.26 -5.03 6.92
CA THR A 113 -14.11 -5.30 5.50
C THR A 113 -14.61 -4.10 4.68
N GLY A 114 -15.77 -3.55 5.06
CA GLY A 114 -16.32 -2.36 4.41
C GLY A 114 -15.36 -1.18 4.42
N VAL A 115 -14.75 -0.95 5.59
CA VAL A 115 -13.80 0.15 5.78
C VAL A 115 -12.67 0.12 4.75
N LEU A 116 -12.15 -1.08 4.48
CA LEU A 116 -11.12 -1.25 3.45
C LEU A 116 -11.70 -1.22 2.04
N GLN A 117 -12.81 -1.93 1.85
CA GLN A 117 -13.49 -1.99 0.55
C GLN A 117 -13.86 -0.59 0.00
N LYS A 118 -14.32 0.28 0.90
CA LYS A 118 -14.84 1.62 0.56
C LYS A 118 -13.81 2.69 0.86
N SER A 119 -12.69 2.27 1.41
CA SER A 119 -11.61 3.16 1.84
C SER A 119 -12.17 4.30 2.66
N SER A 120 -12.72 3.96 3.82
CA SER A 120 -13.34 4.92 4.71
C SER A 120 -12.32 5.64 5.59
N ASN A 121 -12.04 6.90 5.24
CA ASN A 121 -11.23 7.79 6.09
C ASN A 121 -11.87 7.94 7.47
N VAL A 122 -13.21 8.02 7.51
CA VAL A 122 -13.92 8.19 8.79
C VAL A 122 -13.64 7.00 9.72
N GLY A 123 -13.78 5.80 9.16
CA GLY A 123 -13.63 4.55 9.91
C GLY A 123 -12.25 4.37 10.52
N VAL A 124 -11.21 4.59 9.73
CA VAL A 124 -9.84 4.44 10.26
C VAL A 124 -9.49 5.55 11.26
N SER A 125 -10.04 6.76 11.05
CA SER A 125 -9.76 7.87 11.97
C SER A 125 -10.39 7.66 13.35
N LYS A 126 -11.58 7.05 13.39
CA LYS A 126 -12.20 6.71 14.67
C LYS A 126 -11.43 5.60 15.40
N LEU A 127 -10.93 4.62 14.66
CA LEU A 127 -9.97 3.64 15.21
C LEU A 127 -8.72 4.30 15.80
N ALA A 128 -8.12 5.25 15.08
CA ALA A 128 -6.91 5.96 15.55
C ALA A 128 -7.17 6.75 16.84
N LEU A 129 -8.29 7.47 16.88
CA LEU A 129 -8.64 8.28 18.05
C LEU A 129 -9.02 7.43 19.28
N ALA A 130 -9.30 6.16 19.03
CA ALA A 130 -9.56 5.19 20.11
C ALA A 130 -8.27 4.59 20.69
N MET A 131 -7.12 4.96 20.12
CA MET A 131 -5.82 4.41 20.51
C MET A 131 -4.85 5.54 20.84
N PRO A 132 -3.82 5.28 21.66
CA PRO A 132 -2.79 6.33 21.88
C PRO A 132 -2.09 6.70 20.56
N SER A 133 -1.64 7.94 20.44
CA SER A 133 -0.88 8.40 19.25
C SER A 133 0.31 7.49 18.94
N SER A 134 0.94 6.95 19.98
CA SER A 134 2.08 6.04 19.79
C SER A 134 1.72 4.72 19.09
N ALA A 135 0.44 4.34 19.10
CA ALA A 135 0.04 3.02 18.60
C ALA A 135 0.37 2.84 17.12
N LEU A 136 -0.09 3.77 16.28
CA LEU A 136 0.16 3.73 14.84
C LEU A 136 1.59 4.09 14.48
N VAL A 137 2.19 5.00 15.24
CA VAL A 137 3.61 5.30 15.10
C VAL A 137 4.40 3.98 15.25
N ASP A 138 4.05 3.19 16.26
CA ASP A 138 4.72 1.90 16.52
C ASP A 138 4.52 0.91 15.38
N THR A 139 3.28 0.75 14.93
CA THR A 139 2.96 -0.22 13.88
C THR A 139 3.60 0.12 12.54
N TYR A 140 3.47 1.38 12.12
CA TYR A 140 4.08 1.84 10.87
C TYR A 140 5.59 1.58 10.92
N SER A 141 6.22 1.92 12.04
CA SER A 141 7.66 1.65 12.25
C SER A 141 8.02 0.16 12.16
N ARG A 142 7.21 -0.70 12.77
CA ARG A 142 7.38 -2.16 12.71
C ARG A 142 7.36 -2.64 11.25
N PHE A 143 6.51 -2.01 10.43
CA PHE A 143 6.45 -2.37 9.02
C PHE A 143 7.50 -1.67 8.15
N GLY A 144 8.35 -0.86 8.78
CA GLY A 144 9.53 -0.30 8.13
C GLY A 144 9.43 1.12 7.63
N LEU A 145 8.29 1.77 7.87
CA LEU A 145 8.15 3.18 7.49
C LEU A 145 9.02 4.02 8.42
N GLY A 146 9.68 5.03 7.85
CA GLY A 146 10.66 5.80 8.61
C GLY A 146 11.98 5.06 8.87
N LYS A 147 12.24 4.02 8.08
CA LYS A 147 13.56 3.38 8.04
C LYS A 147 13.99 3.31 6.59
N ALA A 148 15.21 3.67 6.34
CA ALA A 148 15.71 3.62 5.01
C ALA A 148 15.71 2.23 4.41
N THR A 149 15.68 2.15 3.09
CA THR A 149 15.93 0.92 2.43
C THR A 149 17.39 0.97 2.13
N ASN A 150 18.00 -0.14 1.94
CA ASN A 150 19.43 -0.07 1.81
C ASN A 150 19.85 -0.76 0.54
N LEU A 151 19.24 -0.37 -0.56
CA LEU A 151 19.59 -1.05 -1.81
C LEU A 151 20.77 -0.35 -2.50
N GLY A 152 21.25 0.75 -1.92
CA GLY A 152 22.29 1.56 -2.55
C GLY A 152 21.77 2.32 -3.77
N LEU A 153 20.73 3.12 -3.55
CA LEU A 153 20.20 4.01 -4.59
C LEU A 153 20.08 5.38 -3.96
N VAL A 154 20.45 6.43 -4.70
CA VAL A 154 20.36 7.78 -4.16
C VAL A 154 18.91 8.17 -3.95
N GLY A 155 18.63 8.77 -2.78
CA GLY A 155 17.27 9.17 -2.45
C GLY A 155 16.63 8.25 -1.41
N GLU A 156 17.05 6.97 -1.42
CA GLU A 156 16.53 5.93 -0.52
C GLU A 156 16.23 6.39 0.90
N ARG A 157 17.01 7.35 1.37
CA ARG A 157 17.03 7.71 2.78
C ARG A 157 16.22 8.97 3.13
N SER A 158 15.60 9.61 2.14
CA SER A 158 15.03 10.96 2.33
C SER A 158 13.56 11.09 2.79
N GLY A 159 12.97 9.98 3.24
CA GLY A 159 11.59 9.99 3.76
C GLY A 159 11.39 10.78 5.04
N LEU A 160 10.17 11.29 5.24
CA LEU A 160 9.84 12.06 6.45
C LEU A 160 8.90 11.27 7.37
N TYR A 161 9.28 11.15 8.64
CA TYR A 161 8.52 10.37 9.61
C TYR A 161 8.48 11.08 10.96
N PRO A 162 7.28 11.20 11.57
CA PRO A 162 7.13 11.97 12.80
C PRO A 162 7.94 11.44 13.97
N GLN A 163 8.68 12.35 14.60
CA GLN A 163 9.42 12.07 15.82
C GLN A 163 8.68 12.72 17.01
N LYS A 164 7.48 13.24 16.73
CA LYS A 164 6.68 14.02 17.69
C LYS A 164 6.35 13.32 18.99
N GLN A 165 6.38 14.08 20.07
CA GLN A 165 6.08 13.56 21.41
C GLN A 165 4.57 13.66 21.71
N ARG A 166 3.98 14.81 21.37
CA ARG A 166 2.54 14.98 21.53
C ARG A 166 1.84 15.42 20.24
N TRP A 167 0.60 14.94 20.06
CA TRP A 167 -0.13 15.03 18.81
C TRP A 167 -1.46 15.65 19.03
N SER A 168 -1.91 16.45 18.08
CA SER A 168 -3.27 16.99 18.08
C SER A 168 -4.25 15.94 17.53
N ASP A 169 -5.54 16.15 17.79
CA ASP A 169 -6.55 15.20 17.31
C ASP A 169 -6.55 15.10 15.79
N ILE A 170 -6.38 16.22 15.09
CA ILE A 170 -6.36 16.23 13.62
C ILE A 170 -5.13 15.52 13.04
N GLU A 171 -3.98 15.67 13.67
CA GLU A 171 -2.76 14.94 13.30
C GLU A 171 -2.91 13.43 13.44
N ARG A 172 -3.52 13.00 14.54
CA ARG A 172 -3.71 11.57 14.80
C ARG A 172 -4.64 10.95 13.76
N ALA A 173 -5.73 11.66 13.43
CA ALA A 173 -6.68 11.23 12.41
C ALA A 173 -6.05 11.16 10.99
N THR A 174 -5.37 12.22 10.56
CA THR A 174 -4.80 12.23 9.21
C THR A 174 -3.67 11.18 9.05
N PHE A 175 -2.93 10.92 10.13
CA PHE A 175 -1.89 9.86 10.14
C PHE A 175 -2.51 8.51 9.80
N SER A 176 -3.73 8.28 10.32
CA SER A 176 -4.45 7.02 10.12
C SER A 176 -4.86 6.79 8.65
N PHE A 177 -4.96 7.85 7.86
CA PHE A 177 -5.20 7.65 6.43
C PHE A 177 -4.08 8.15 5.54
N GLY A 178 -2.89 8.26 6.14
CA GLY A 178 -1.63 8.27 5.39
C GLY A 178 -1.05 9.60 4.97
N TYR A 179 -1.37 10.66 5.72
CA TYR A 179 -0.74 11.97 5.53
C TYR A 179 0.00 12.38 6.79
N GLY A 180 1.03 13.19 6.62
CA GLY A 180 1.87 13.62 7.72
C GLY A 180 3.12 12.77 7.81
N LEU A 181 3.36 11.97 6.78
CA LEU A 181 4.55 11.19 6.61
C LEU A 181 4.84 10.96 5.14
N MET A 182 6.11 10.82 4.80
CA MET A 182 6.47 10.62 3.40
C MET A 182 7.36 9.41 3.24
N VAL A 183 7.05 8.58 2.24
CA VAL A 183 7.73 7.31 2.05
C VAL A 183 8.08 7.11 0.58
N THR A 184 9.06 6.24 0.32
CA THR A 184 9.36 5.86 -1.06
C THR A 184 8.51 4.64 -1.44
N PRO A 185 8.32 4.42 -2.75
CA PRO A 185 7.69 3.19 -3.23
C PRO A 185 8.37 1.92 -2.69
N LEU A 186 9.70 1.98 -2.52
CA LEU A 186 10.44 0.83 -1.99
C LEU A 186 10.03 0.52 -0.57
N GLN A 187 9.91 1.56 0.26
CA GLN A 187 9.41 1.40 1.62
C GLN A 187 7.99 0.80 1.62
N LEU A 188 7.15 1.23 0.70
CA LEU A 188 5.79 0.74 0.65
C LEU A 188 5.78 -0.72 0.21
N ALA A 189 6.60 -1.04 -0.79
CA ALA A 189 6.73 -2.45 -1.20
C ALA A 189 7.18 -3.35 -0.04
N ARG A 190 8.08 -2.86 0.81
CA ARG A 190 8.53 -3.59 1.98
C ARG A 190 7.39 -3.80 3.03
N VAL A 191 6.55 -2.78 3.21
CA VAL A 191 5.34 -2.92 4.02
C VAL A 191 4.50 -4.10 3.52
N TYR A 192 4.27 -4.14 2.22
CA TYR A 192 3.37 -5.12 1.67
C TYR A 192 3.98 -6.53 1.63
N ALA A 193 5.30 -6.59 1.46
CA ALA A 193 6.00 -7.87 1.59
C ALA A 193 5.84 -8.41 3.01
N THR A 194 5.85 -7.53 4.00
CA THR A 194 5.65 -7.92 5.41
C THR A 194 4.20 -8.40 5.66
N ILE A 195 3.23 -7.78 4.96
CA ILE A 195 1.86 -8.27 4.97
C ILE A 195 1.79 -9.69 4.37
N GLY A 196 2.39 -9.87 3.20
CA GLY A 196 2.37 -11.17 2.50
C GLY A 196 3.02 -12.33 3.26
N SER A 197 3.96 -11.99 4.15
CA SER A 197 4.64 -13.00 5.01
C SER A 197 3.85 -13.25 6.32
N TYR A 198 2.70 -12.60 6.44
CA TYR A 198 1.89 -12.57 7.67
C TYR A 198 2.63 -12.03 8.88
N GLY A 199 3.43 -11.00 8.70
CA GLY A 199 4.00 -10.28 9.84
C GLY A 199 5.49 -10.50 10.07
N ILE A 200 6.18 -11.02 9.08
CA ILE A 200 7.60 -11.18 9.13
C ILE A 200 8.28 -10.12 8.29
N TYR A 201 9.03 -9.26 8.95
CA TYR A 201 9.72 -8.16 8.29
C TYR A 201 11.09 -8.63 7.80
N ARG A 202 11.41 -8.34 6.56
CA ARG A 202 12.74 -8.54 6.01
C ARG A 202 13.16 -7.37 5.19
N PRO A 203 14.45 -7.08 5.15
CA PRO A 203 14.88 -5.99 4.26
C PRO A 203 14.75 -6.44 2.81
N LEU A 204 14.62 -5.48 1.90
CA LEU A 204 14.71 -5.77 0.47
C LEU A 204 16.12 -6.17 0.08
N SER A 205 16.24 -7.05 -0.90
CA SER A 205 17.52 -7.51 -1.38
C SER A 205 17.50 -7.42 -2.89
N ILE A 206 18.56 -6.88 -3.49
CA ILE A 206 18.74 -6.96 -4.96
C ILE A 206 19.64 -8.12 -5.36
N THR A 207 20.07 -8.90 -4.37
CA THR A 207 20.84 -10.09 -4.67
C THR A 207 20.10 -11.36 -4.23
N LYS A 208 20.34 -12.43 -4.99
CA LYS A 208 19.72 -13.73 -4.76
C LYS A 208 20.06 -14.30 -3.39
N VAL A 209 19.10 -15.03 -2.83
CA VAL A 209 19.23 -15.69 -1.55
C VAL A 209 18.63 -17.10 -1.69
N ASP A 210 19.04 -18.03 -0.83
CA ASP A 210 18.48 -19.37 -0.76
C ASP A 210 17.40 -19.39 0.33
N PRO A 211 16.14 -19.71 -0.03
CA PRO A 211 15.14 -19.71 1.05
C PRO A 211 15.23 -20.97 1.93
N PRO A 212 14.68 -20.93 3.15
CA PRO A 212 13.98 -19.80 3.77
C PRO A 212 14.95 -18.77 4.33
N VAL A 213 14.45 -17.55 4.47
CA VAL A 213 15.20 -16.41 4.96
C VAL A 213 14.59 -16.01 6.30
N PRO A 214 15.33 -16.22 7.39
CA PRO A 214 14.81 -15.78 8.68
C PRO A 214 14.60 -14.27 8.71
N GLY A 215 13.43 -13.84 9.18
CA GLY A 215 13.09 -12.44 9.27
C GLY A 215 12.74 -12.09 10.69
N GLU A 216 12.21 -10.89 10.87
CA GLU A 216 11.88 -10.40 12.19
C GLU A 216 10.36 -10.42 12.39
N ARG A 217 9.88 -11.16 13.38
CA ARG A 217 8.44 -11.17 13.66
C ARG A 217 8.01 -9.81 14.23
N VAL A 218 7.23 -9.06 13.45
CA VAL A 218 6.81 -7.71 13.88
C VAL A 218 5.33 -7.63 14.24
N PHE A 219 4.55 -8.61 13.80
CA PHE A 219 3.11 -8.64 14.06
C PHE A 219 2.59 -10.09 14.03
N PRO A 220 1.59 -10.42 14.89
CA PRO A 220 1.09 -11.80 14.94
C PRO A 220 0.52 -12.29 13.61
N GLU A 221 0.82 -13.53 13.26
CA GLU A 221 0.35 -14.14 12.01
C GLU A 221 -1.17 -14.05 11.85
N SER A 222 -1.91 -14.47 12.90
CA SER A 222 -3.37 -14.43 12.91
C SER A 222 -3.99 -13.06 12.55
N ILE A 223 -3.42 -11.99 13.10
CA ILE A 223 -3.92 -10.66 12.81
C ILE A 223 -3.66 -10.27 11.36
N VAL A 224 -2.46 -10.52 10.88
CA VAL A 224 -2.12 -10.13 9.51
C VAL A 224 -2.97 -10.91 8.51
N ARG A 225 -3.12 -12.22 8.74
CA ARG A 225 -3.99 -13.06 7.89
C ARG A 225 -5.46 -12.57 7.87
N THR A 226 -5.99 -12.17 9.02
CA THR A 226 -7.34 -11.61 9.09
C THR A 226 -7.54 -10.43 8.14
N VAL A 227 -6.57 -9.52 8.10
CA VAL A 227 -6.71 -8.29 7.34
C VAL A 227 -6.44 -8.60 5.87
N VAL A 228 -5.53 -9.55 5.59
CA VAL A 228 -5.31 -9.99 4.19
C VAL A 228 -6.64 -10.48 3.58
N HIS A 229 -7.37 -11.29 4.32
CA HIS A 229 -8.69 -11.74 3.85
C HIS A 229 -9.61 -10.56 3.61
N MET A 230 -9.70 -9.64 4.55
CA MET A 230 -10.48 -8.43 4.37
C MET A 230 -10.14 -7.63 3.11
N MET A 231 -8.86 -7.53 2.80
CA MET A 231 -8.37 -6.79 1.63
C MET A 231 -8.80 -7.41 0.31
N GLU A 232 -9.20 -8.69 0.33
CA GLU A 232 -9.73 -9.32 -0.89
C GLU A 232 -10.95 -8.60 -1.47
N SER A 233 -11.73 -7.98 -0.60
CA SER A 233 -12.93 -7.22 -1.01
C SER A 233 -12.61 -6.00 -1.88
N VAL A 234 -11.39 -5.49 -1.77
CA VAL A 234 -11.01 -4.30 -2.54
C VAL A 234 -11.02 -4.61 -4.04
N ALA A 235 -10.74 -5.87 -4.38
CA ALA A 235 -10.67 -6.31 -5.77
C ALA A 235 -11.92 -7.07 -6.25
N LEU A 236 -13.01 -6.91 -5.53
CA LEU A 236 -14.31 -7.47 -5.94
C LEU A 236 -15.29 -6.33 -6.20
N PRO A 237 -16.43 -6.62 -6.88
CA PRO A 237 -17.41 -5.57 -7.12
C PRO A 237 -17.81 -4.85 -5.81
N GLY A 238 -17.82 -3.53 -5.86
CA GLY A 238 -18.09 -2.71 -4.67
C GLY A 238 -16.82 -2.16 -4.05
N GLY A 239 -15.70 -2.73 -4.46
CA GLY A 239 -14.38 -2.34 -3.96
C GLY A 239 -13.69 -1.40 -4.91
N GLY A 240 -12.89 -0.49 -4.37
CA GLY A 240 -12.17 0.51 -5.15
C GLY A 240 -11.16 -0.03 -6.16
N GLY A 241 -10.64 -1.23 -5.94
CA GLY A 241 -9.63 -1.79 -6.83
C GLY A 241 -10.14 -2.89 -7.74
N VAL A 242 -11.43 -2.86 -8.07
CA VAL A 242 -12.05 -3.96 -8.82
C VAL A 242 -11.39 -4.20 -10.17
N LYS A 243 -10.83 -3.13 -10.74
CA LYS A 243 -10.21 -3.20 -12.06
C LYS A 243 -8.87 -3.95 -12.04
N ALA A 244 -8.35 -4.24 -10.84
CA ALA A 244 -7.14 -5.08 -10.71
C ALA A 244 -7.42 -6.58 -10.73
N ALA A 245 -8.70 -6.96 -10.74
CA ALA A 245 -9.05 -8.39 -10.59
C ALA A 245 -8.44 -9.23 -11.71
N ILE A 246 -8.02 -10.44 -11.36
CA ILE A 246 -7.35 -11.36 -12.29
C ILE A 246 -8.14 -12.67 -12.29
N LYS A 247 -8.53 -13.13 -13.47
CA LYS A 247 -9.28 -14.37 -13.60
C LYS A 247 -8.49 -15.52 -12.99
N GLY A 248 -9.15 -16.32 -12.16
CA GLY A 248 -8.55 -17.51 -11.58
C GLY A 248 -7.78 -17.32 -10.30
N TYR A 249 -7.59 -16.06 -9.88
CA TYR A 249 -6.79 -15.77 -8.69
C TYR A 249 -7.49 -14.87 -7.69
N ARG A 250 -7.22 -15.12 -6.42
CA ARG A 250 -7.59 -14.22 -5.34
C ARG A 250 -6.43 -13.24 -5.12
N ILE A 251 -6.73 -11.94 -5.01
CA ILE A 251 -5.69 -10.94 -4.71
C ILE A 251 -6.17 -10.11 -3.53
N ALA A 252 -5.22 -9.62 -2.72
CA ALA A 252 -5.50 -8.81 -1.56
C ALA A 252 -4.81 -7.47 -1.78
N ILE A 253 -5.61 -6.42 -1.97
CA ILE A 253 -5.03 -5.14 -2.37
C ILE A 253 -5.64 -3.97 -1.62
N LYS A 254 -5.04 -2.80 -1.82
CA LYS A 254 -5.54 -1.53 -1.32
C LYS A 254 -5.16 -0.43 -2.30
N THR A 255 -6.15 0.39 -2.65
CA THR A 255 -5.95 1.53 -3.54
C THR A 255 -5.69 2.77 -2.71
N GLY A 256 -5.19 3.82 -3.36
CA GLY A 256 -5.04 5.10 -2.69
C GLY A 256 -4.92 6.21 -3.73
N THR A 257 -5.23 7.41 -3.28
CA THR A 257 -5.13 8.62 -4.09
C THR A 257 -4.70 9.68 -3.11
N ALA A 258 -3.69 10.45 -3.49
CA ALA A 258 -3.18 11.54 -2.67
C ALA A 258 -3.07 12.80 -3.51
N LYS A 259 -3.50 13.92 -2.93
CA LYS A 259 -3.23 15.23 -3.49
C LYS A 259 -1.79 15.53 -3.10
N LYS A 260 -0.99 16.04 -4.04
CA LYS A 260 0.42 16.35 -3.75
C LYS A 260 0.59 17.55 -2.83
N VAL A 261 1.48 17.42 -1.87
CA VAL A 261 1.78 18.51 -0.94
C VAL A 261 2.97 19.32 -1.47
N GLY A 262 2.87 20.64 -1.35
CA GLY A 262 3.97 21.53 -1.66
C GLY A 262 4.86 21.75 -0.44
N PRO A 263 6.03 22.39 -0.63
CA PRO A 263 7.03 22.52 0.43
C PRO A 263 6.55 23.41 1.58
N ASP A 264 5.64 24.33 1.28
CA ASP A 264 5.00 25.16 2.29
C ASP A 264 3.79 24.49 2.95
N GLY A 265 3.59 23.20 2.66
CA GLY A 265 2.52 22.40 3.26
C GLY A 265 1.16 22.58 2.61
N ARG A 266 1.13 23.23 1.45
CA ARG A 266 -0.11 23.44 0.71
C ARG A 266 -0.34 22.30 -0.30
N TYR A 267 -1.59 21.87 -0.41
CA TYR A 267 -1.96 20.80 -1.35
C TYR A 267 -2.42 21.37 -2.68
N ILE A 268 -1.85 20.84 -3.76
CA ILE A 268 -2.15 21.30 -5.11
C ILE A 268 -2.95 20.25 -5.87
N ASN A 269 -3.55 20.66 -6.98
CA ASN A 269 -4.42 19.81 -7.77
C ASN A 269 -3.62 18.90 -8.72
N LYS A 270 -2.58 18.27 -8.17
CA LYS A 270 -1.82 17.22 -8.86
C LYS A 270 -1.92 15.97 -7.99
N TYR A 271 -2.07 14.81 -8.62
CA TYR A 271 -2.37 13.59 -7.88
C TYR A 271 -1.32 12.51 -7.97
N ILE A 272 -1.24 11.71 -6.92
CA ILE A 272 -0.50 10.47 -6.97
C ILE A 272 -1.47 9.30 -6.75
N ALA A 273 -1.50 8.35 -7.66
CA ALA A 273 -2.42 7.22 -7.59
C ALA A 273 -1.63 5.95 -7.29
N TYR A 274 -2.12 5.14 -6.38
CA TYR A 274 -1.47 3.89 -5.95
C TYR A 274 -2.38 2.66 -5.96
N THR A 275 -1.79 1.48 -6.12
CA THR A 275 -2.39 0.20 -5.78
C THR A 275 -1.24 -0.66 -5.29
N ALA A 276 -1.43 -1.20 -4.08
CA ALA A 276 -0.46 -2.02 -3.36
C ALA A 276 -1.18 -3.29 -2.95
N GLY A 277 -0.47 -4.42 -2.94
CA GLY A 277 -1.12 -5.66 -2.59
C GLY A 277 -0.24 -6.88 -2.69
N VAL A 278 -0.84 -8.04 -2.42
CA VAL A 278 -0.17 -9.33 -2.45
C VAL A 278 -1.05 -10.33 -3.20
N ALA A 279 -0.41 -11.34 -3.80
CA ALA A 279 -1.10 -12.39 -4.51
C ALA A 279 -0.27 -13.68 -4.53
N PRO A 280 -0.94 -14.85 -4.56
CA PRO A 280 -2.39 -15.02 -4.42
C PRO A 280 -2.81 -14.90 -2.94
N ALA A 281 -4.02 -14.41 -2.69
CA ALA A 281 -4.45 -14.12 -1.32
C ALA A 281 -4.44 -15.34 -0.39
N SER A 282 -4.68 -16.53 -0.94
CA SER A 282 -4.71 -17.76 -0.13
C SER A 282 -3.32 -18.16 0.41
N GLN A 283 -2.28 -17.89 -0.37
CA GLN A 283 -0.88 -18.04 0.09
C GLN A 283 0.02 -17.17 -0.75
N PRO A 284 0.26 -15.94 -0.27
CA PRO A 284 0.93 -14.90 -1.03
C PRO A 284 2.33 -15.33 -1.45
N ARG A 285 2.66 -15.06 -2.72
CA ARG A 285 4.02 -15.25 -3.22
C ARG A 285 4.71 -13.91 -3.49
N PHE A 286 3.91 -12.93 -3.94
CA PHE A 286 4.45 -11.64 -4.39
C PHE A 286 3.75 -10.44 -3.77
N ALA A 287 4.53 -9.39 -3.51
CA ALA A 287 3.97 -8.11 -3.16
C ALA A 287 4.29 -7.13 -4.28
N LEU A 288 3.32 -6.28 -4.60
CA LEU A 288 3.48 -5.34 -5.70
C LEU A 288 2.96 -3.98 -5.28
N VAL A 289 3.74 -2.96 -5.60
CA VAL A 289 3.31 -1.58 -5.47
C VAL A 289 3.42 -0.90 -6.85
N VAL A 290 2.32 -0.28 -7.26
CA VAL A 290 2.27 0.50 -8.49
C VAL A 290 1.89 1.93 -8.12
N VAL A 291 2.72 2.89 -8.55
CA VAL A 291 2.49 4.30 -8.32
C VAL A 291 2.42 5.00 -9.68
N ILE A 292 1.43 5.86 -9.85
CA ILE A 292 1.33 6.68 -11.02
C ILE A 292 1.31 8.15 -10.62
N ASN A 293 2.28 8.90 -11.11
CA ASN A 293 2.59 10.24 -10.69
C ASN A 293 2.00 11.24 -11.65
N ASP A 294 1.12 12.10 -11.14
CA ASP A 294 0.51 13.20 -11.91
C ASP A 294 -0.21 12.75 -13.19
N PRO A 295 -1.25 11.89 -13.07
CA PRO A 295 -2.04 11.53 -14.25
C PRO A 295 -2.82 12.76 -14.72
N GLN A 296 -3.01 12.90 -16.03
CA GLN A 296 -3.55 14.12 -16.61
C GLN A 296 -4.65 13.86 -17.61
N ALA A 297 -5.01 12.60 -17.80
CA ALA A 297 -5.98 12.21 -18.83
C ALA A 297 -7.45 12.23 -18.36
N GLY A 298 -7.71 12.84 -17.21
CA GLY A 298 -9.09 12.97 -16.72
C GLY A 298 -9.39 12.17 -15.47
N LYS A 299 -8.80 10.98 -15.35
CA LYS A 299 -8.98 10.14 -14.17
C LYS A 299 -7.78 10.28 -13.23
N TYR A 300 -8.02 10.21 -11.92
CA TYR A 300 -6.92 10.30 -10.97
C TYR A 300 -6.99 9.39 -9.73
N TYR A 301 -8.14 8.75 -9.51
CA TYR A 301 -8.28 7.78 -8.41
C TYR A 301 -7.41 6.55 -8.66
N GLY A 302 -6.84 6.02 -7.58
CA GLY A 302 -6.01 4.82 -7.61
C GLY A 302 -6.68 3.67 -8.34
N GLY A 303 -7.97 3.47 -8.06
CA GLY A 303 -8.73 2.38 -8.70
C GLY A 303 -8.89 2.53 -10.19
N ALA A 304 -8.91 3.77 -10.68
CA ALA A 304 -9.05 4.02 -12.10
C ALA A 304 -7.70 4.03 -12.82
N VAL A 305 -6.68 4.53 -12.14
CA VAL A 305 -5.41 4.85 -12.77
C VAL A 305 -4.35 3.75 -12.57
N SER A 306 -4.24 3.26 -11.34
CA SER A 306 -3.20 2.31 -11.00
C SER A 306 -3.67 0.86 -10.90
N ALA A 307 -4.94 0.64 -10.53
CA ALA A 307 -5.45 -0.72 -10.37
C ALA A 307 -5.42 -1.56 -11.66
N PRO A 308 -5.79 -0.98 -12.81
CA PRO A 308 -5.73 -1.77 -14.04
C PRO A 308 -4.33 -2.31 -14.33
N VAL A 309 -3.31 -1.47 -14.21
CA VAL A 309 -1.94 -1.92 -14.52
C VAL A 309 -1.44 -2.90 -13.44
N PHE A 310 -1.92 -2.75 -12.21
CA PHE A 310 -1.60 -3.70 -11.15
C PHE A 310 -2.06 -5.10 -11.51
N GLY A 311 -3.31 -5.22 -12.00
CA GLY A 311 -3.86 -6.49 -12.47
C GLY A 311 -3.11 -7.08 -13.65
N ALA A 312 -2.76 -6.23 -14.61
CA ALA A 312 -2.01 -6.70 -15.79
C ALA A 312 -0.61 -7.19 -15.39
N ILE A 313 0.07 -6.45 -14.51
CA ILE A 313 1.38 -6.91 -14.03
C ILE A 313 1.26 -8.18 -13.18
N MET A 314 0.42 -8.14 -12.14
CA MET A 314 0.32 -9.28 -11.24
C MET A 314 -0.15 -10.53 -12.00
N GLY A 315 -1.09 -10.37 -12.93
CA GLY A 315 -1.54 -11.48 -13.77
C GLY A 315 -0.42 -12.11 -14.60
N GLY A 316 0.39 -11.25 -15.23
CA GLY A 316 1.56 -11.70 -15.99
C GLY A 316 2.57 -12.44 -15.11
N VAL A 317 2.78 -11.92 -13.90
CA VAL A 317 3.71 -12.53 -12.93
C VAL A 317 3.21 -13.94 -12.55
N LEU A 318 1.95 -14.03 -12.14
CA LEU A 318 1.40 -15.31 -11.69
C LEU A 318 1.48 -16.39 -12.77
N ARG A 319 1.18 -16.01 -14.02
CA ARG A 319 1.27 -16.93 -15.15
C ARG A 319 2.72 -17.36 -15.42
N THR A 320 3.61 -16.38 -15.54
CA THR A 320 5.04 -16.62 -15.81
C THR A 320 5.68 -17.52 -14.76
N MET A 321 5.32 -17.30 -13.50
CA MET A 321 5.86 -18.10 -12.39
C MET A 321 5.09 -19.38 -12.14
N ASN A 322 4.13 -19.69 -13.01
CA ASN A 322 3.34 -20.93 -12.94
C ASN A 322 2.67 -21.15 -11.58
N ILE A 323 2.10 -20.09 -11.02
CA ILE A 323 1.44 -20.18 -9.73
C ILE A 323 0.04 -20.80 -9.89
N GLU A 324 -0.26 -21.80 -9.06
CA GLU A 324 -1.58 -22.47 -9.09
C GLU A 324 -2.73 -21.49 -8.85
N PRO A 325 -3.71 -21.45 -9.78
CA PRO A 325 -4.95 -20.67 -9.57
C PRO A 325 -5.63 -21.04 -8.25
N ASP A 326 -6.06 -20.05 -7.47
CA ASP A 326 -6.70 -20.30 -6.19
C ASP A 326 -8.13 -19.77 -6.10
N ALA A 327 -8.67 -19.27 -7.20
CA ALA A 327 -10.06 -18.79 -7.19
C ALA A 327 -11.02 -19.87 -7.67
S JPP B . -10.48 8.32 -0.92
O01 JPP B . -5.94 7.11 -0.45
O02 JPP B . -8.33 5.77 -4.26
O03 JPP B . -9.05 4.40 -2.68
O06 JPP B . -8.93 10.77 1.16
O04 JPP B . -5.49 13.63 -0.77
O05 JPP B . -7.77 13.92 2.43
O JPP B . -7.02 15.31 4.42
N02 JPP B . -9.00 6.29 -0.79
N03 JPP B . -7.54 9.58 -0.17
N04 JPP B . -7.36 12.97 0.29
N01 JPP B . -6.03 14.63 1.14
N JPP B . -5.26 16.12 3.27
C17 JPP B . -9.21 7.51 -0.01
C19 JPP B . -10.29 7.50 -2.47
C18 JPP B . -9.00 6.71 -2.22
C20 JPP B . -7.87 8.18 -0.24
C01 JPP B . -6.71 7.48 0.40
C02 JPP B . -10.16 8.52 -3.57
C03 JPP B . -11.49 6.57 -2.74
C04 JPP B . -8.78 5.53 -3.12
C21 JPP B . -8.13 10.66 0.24
CA JPP B . -7.57 11.82 -0.56
C05 JPP B . -8.40 12.13 -1.75
C06 JPP B . -6.26 13.72 0.19
C07 JPP B . -9.79 12.11 -1.69
C08 JPP B . -7.76 12.41 -2.95
C09 JPP B . -5.03 15.67 0.88
C10 JPP B . -4.29 15.98 2.19
C11 JPP B . -6.76 14.58 2.26
C12 JPP B . -10.55 12.38 -2.82
C13 JPP B . -8.52 12.69 -4.08
C14 JPP B . -6.35 15.39 3.39
C15 JPP B . -4.89 17.11 4.27
C16 JPP B . -9.91 12.68 -4.03
C JPP B . -4.05 16.43 5.34
#